data_3FVA
# 
_entry.id   3FVA 
# 
_audit_conform.dict_name       mmcif_pdbx.dic 
_audit_conform.dict_version    5.387 
_audit_conform.dict_location   http://mmcif.pdb.org/dictionaries/ascii/mmcif_pdbx.dic 
# 
loop_
_database_2.database_id 
_database_2.database_code 
_database_2.pdbx_database_accession 
_database_2.pdbx_DOI 
PDB   3FVA         pdb_00003fva 10.2210/pdb3fva/pdb 
RCSB  RCSB051085   ?            ?                   
WWPDB D_1000051085 ?            ?                   
# 
loop_
_pdbx_audit_revision_history.ordinal 
_pdbx_audit_revision_history.data_content_type 
_pdbx_audit_revision_history.major_revision 
_pdbx_audit_revision_history.minor_revision 
_pdbx_audit_revision_history.revision_date 
1 'Structure model' 1 0 2009-06-30 
2 'Structure model' 1 1 2011-07-13 
3 'Structure model' 1 2 2017-11-01 
4 'Structure model' 1 3 2024-02-21 
# 
_pdbx_audit_revision_details.ordinal             1 
_pdbx_audit_revision_details.revision_ordinal    1 
_pdbx_audit_revision_details.data_content_type   'Structure model' 
_pdbx_audit_revision_details.provider            repository 
_pdbx_audit_revision_details.type                'Initial release' 
_pdbx_audit_revision_details.description         ? 
_pdbx_audit_revision_details.details             ? 
# 
loop_
_pdbx_audit_revision_group.ordinal 
_pdbx_audit_revision_group.revision_ordinal 
_pdbx_audit_revision_group.data_content_type 
_pdbx_audit_revision_group.group 
1 2 'Structure model' 'Version format compliance' 
2 3 'Structure model' 'Refinement description'    
3 4 'Structure model' 'Data collection'           
4 4 'Structure model' 'Database references'       
# 
loop_
_pdbx_audit_revision_category.ordinal 
_pdbx_audit_revision_category.revision_ordinal 
_pdbx_audit_revision_category.data_content_type 
_pdbx_audit_revision_category.category 
1 3 'Structure model' software       
2 4 'Structure model' chem_comp_atom 
3 4 'Structure model' chem_comp_bond 
4 4 'Structure model' database_2     
# 
loop_
_pdbx_audit_revision_item.ordinal 
_pdbx_audit_revision_item.revision_ordinal 
_pdbx_audit_revision_item.data_content_type 
_pdbx_audit_revision_item.item 
1 4 'Structure model' '_database_2.pdbx_DOI'                
2 4 'Structure model' '_database_2.pdbx_database_accession' 
# 
_pdbx_database_status.entry_id                        3FVA 
_pdbx_database_status.deposit_site                    RCSB 
_pdbx_database_status.process_site                    RCSB 
_pdbx_database_status.recvd_initial_deposition_date   2009-01-15 
_pdbx_database_status.status_code                     REL 
_pdbx_database_status.status_code_sf                  REL 
_pdbx_database_status.status_code_mr                  ? 
_pdbx_database_status.SG_entry                        ? 
_pdbx_database_status.pdb_format_compatible           Y 
_pdbx_database_status.status_code_cs                  ? 
_pdbx_database_status.methods_development_category    ? 
_pdbx_database_status.status_code_nmr_data            ? 
# 
loop_
_audit_author.name 
_audit_author.pdbx_ordinal 
'Apostol, M.I.' 1 
'Eisenberg, D.' 2 
# 
_citation.id                        primary 
_citation.title                     'Molecular mechanisms for protein-encoded inheritance.' 
_citation.journal_abbrev            Nat.Struct.Mol.Biol. 
_citation.journal_volume            16 
_citation.page_first                973 
_citation.page_last                 978 
_citation.year                      2009 
_citation.journal_id_ASTM           ? 
_citation.country                   US 
_citation.journal_id_ISSN           1545-9993 
_citation.journal_id_CSD            ? 
_citation.book_publisher            ? 
_citation.pdbx_database_id_PubMed   19684598 
_citation.pdbx_database_id_DOI      10.1038/nsmb.1643 
# 
loop_
_citation_author.citation_id 
_citation_author.name 
_citation_author.ordinal 
_citation_author.identifier_ORCID 
primary 'Wiltzius, J.J.'  1  ? 
primary 'Landau, M.'      2  ? 
primary 'Nelson, R.'      3  ? 
primary 'Sawaya, M.R.'    4  ? 
primary 'Apostol, M.I.'   5  ? 
primary 'Goldschmidt, L.' 6  ? 
primary 'Soriaga, A.B.'   7  ? 
primary 'Cascio, D.'      8  ? 
primary 'Rajashankar, K.' 9  ? 
primary 'Eisenberg, D.'   10 ? 
# 
loop_
_entity.id 
_entity.type 
_entity.src_method 
_entity.pdbx_description 
_entity.formula_weight 
_entity.pdbx_number_of_molecules 
_entity.pdbx_ec 
_entity.pdbx_mutation 
_entity.pdbx_fragment 
_entity.details 
1 polymer syn 'Major prion protein' 736.730 1 ? ? 'NNQNTF (residues 173-178)' ? 
2 water   nat water                 18.015  2 ? ? ?                           ? 
# 
_entity_name_com.entity_id   1 
_entity_name_com.name        PrP 
# 
_entity_poly.entity_id                      1 
_entity_poly.type                           'polypeptide(L)' 
_entity_poly.nstd_linkage                   no 
_entity_poly.nstd_monomer                   no 
_entity_poly.pdbx_seq_one_letter_code       NNQNTF 
_entity_poly.pdbx_seq_one_letter_code_can   NNQNTF 
_entity_poly.pdbx_strand_id                 A 
_entity_poly.pdbx_target_identifier         ? 
# 
_pdbx_entity_nonpoly.entity_id   2 
_pdbx_entity_nonpoly.name        water 
_pdbx_entity_nonpoly.comp_id     HOH 
# 
loop_
_entity_poly_seq.entity_id 
_entity_poly_seq.num 
_entity_poly_seq.mon_id 
_entity_poly_seq.hetero 
1 1 ASN n 
1 2 ASN n 
1 3 GLN n 
1 4 ASN n 
1 5 THR n 
1 6 PHE n 
# 
_pdbx_entity_src_syn.entity_id              1 
_pdbx_entity_src_syn.pdbx_src_id            1 
_pdbx_entity_src_syn.pdbx_alt_source_flag   sample 
_pdbx_entity_src_syn.pdbx_beg_seq_num       ? 
_pdbx_entity_src_syn.pdbx_end_seq_num       ? 
_pdbx_entity_src_syn.organism_scientific    ? 
_pdbx_entity_src_syn.organism_common_name   ? 
_pdbx_entity_src_syn.ncbi_taxonomy_id       ? 
_pdbx_entity_src_syn.details                'NNQNTF (residues 173-178) from elk prion protein' 
# 
loop_
_chem_comp.id 
_chem_comp.type 
_chem_comp.mon_nstd_flag 
_chem_comp.name 
_chem_comp.pdbx_synonyms 
_chem_comp.formula 
_chem_comp.formula_weight 
ASN 'L-peptide linking' y ASPARAGINE    ? 'C4 H8 N2 O3'  132.118 
GLN 'L-peptide linking' y GLUTAMINE     ? 'C5 H10 N2 O3' 146.144 
HOH non-polymer         . WATER         ? 'H2 O'         18.015  
PHE 'L-peptide linking' y PHENYLALANINE ? 'C9 H11 N O2'  165.189 
THR 'L-peptide linking' y THREONINE     ? 'C4 H9 N O3'   119.119 
# 
loop_
_pdbx_poly_seq_scheme.asym_id 
_pdbx_poly_seq_scheme.entity_id 
_pdbx_poly_seq_scheme.seq_id 
_pdbx_poly_seq_scheme.mon_id 
_pdbx_poly_seq_scheme.ndb_seq_num 
_pdbx_poly_seq_scheme.pdb_seq_num 
_pdbx_poly_seq_scheme.auth_seq_num 
_pdbx_poly_seq_scheme.pdb_mon_id 
_pdbx_poly_seq_scheme.auth_mon_id 
_pdbx_poly_seq_scheme.pdb_strand_id 
_pdbx_poly_seq_scheme.pdb_ins_code 
_pdbx_poly_seq_scheme.hetero 
A 1 1 ASN 1 1 1 ASN ASN A . n 
A 1 2 ASN 2 2 2 ASN ASN A . n 
A 1 3 GLN 3 3 3 GLN GLN A . n 
A 1 4 ASN 4 4 4 ASN ASN A . n 
A 1 5 THR 5 5 5 THR THR A . n 
A 1 6 PHE 6 6 6 PHE PHE A . n 
# 
loop_
_pdbx_nonpoly_scheme.asym_id 
_pdbx_nonpoly_scheme.entity_id 
_pdbx_nonpoly_scheme.mon_id 
_pdbx_nonpoly_scheme.ndb_seq_num 
_pdbx_nonpoly_scheme.pdb_seq_num 
_pdbx_nonpoly_scheme.auth_seq_num 
_pdbx_nonpoly_scheme.pdb_mon_id 
_pdbx_nonpoly_scheme.auth_mon_id 
_pdbx_nonpoly_scheme.pdb_strand_id 
_pdbx_nonpoly_scheme.pdb_ins_code 
B 2 HOH 1 7 1 HOH HOH A . 
B 2 HOH 2 8 2 HOH HOH A . 
# 
loop_
_software.name 
_software.version 
_software.date 
_software.type 
_software.contact_author 
_software.contact_author_email 
_software.classification 
_software.location 
_software.language 
_software.citation_id 
_software.pdbx_ordinal 
DENZO       .     ?               package 'Zbyszek Otwinowski' hkl@hkl-xray.com            'data reduction'  
http://www.hkl-xray.com/                     ?          ? 1 
SCALEPACK   .     ?               package 'Zbyszek Otwinowski' hkl@hkl-xray.com            'data scaling'    
http://www.hkl-xray.com/                     ?          ? 2 
PHASER      .     ?               program 'Randy J. Read'      cimr-phaser@lists.cam.ac.uk phasing           
http://www-structmed.cimr.cam.ac.uk/phaser/  ?          ? 3 
REFMAC      .     ?               program 'Garib N. Murshudov' garib@ysbl.york.ac.uk       refinement        
http://www.ccp4.ac.uk/dist/html/refmac5.html Fortran_77 ? 4 
PDB_EXTRACT 3.006 'June 11, 2008' package PDB                  help@deposit.rcsb.org       'data extraction' 
http://sw-tools.pdb.org/apps/PDB_EXTRACT/    C++        ? 5 
# 
_cell.length_a           18.061 
_cell.length_b           4.840 
_cell.length_c           21.362 
_cell.angle_alpha        90.000 
_cell.angle_beta         100.100 
_cell.angle_gamma        90.000 
_cell.entry_id           3FVA 
_cell.pdbx_unique_axis   ? 
_cell.Z_PDB              2 
_cell.length_a_esd       ? 
_cell.length_b_esd       ? 
_cell.length_c_esd       ? 
_cell.angle_alpha_esd    ? 
_cell.angle_beta_esd     ? 
_cell.angle_gamma_esd    ? 
# 
_symmetry.space_group_name_H-M             'P 1 21 1' 
_symmetry.entry_id                         3FVA 
_symmetry.Int_Tables_number                4 
_symmetry.pdbx_full_space_group_name_H-M   ? 
_symmetry.cell_setting                     ? 
_symmetry.space_group_name_Hall            ? 
# 
_exptl.crystals_number   1 
_exptl.entry_id          3FVA 
_exptl.method            'X-RAY DIFFRACTION' 
# 
_exptl_crystal.id                    1 
_exptl_crystal.density_Matthews      1.248 
_exptl_crystal.density_meas          ? 
_exptl_crystal.density_percent_sol   1.417 
_exptl_crystal.description           ? 
_exptl_crystal.F_000                 ? 
_exptl_crystal.preparation           ? 
# 
_exptl_crystal_grow.crystal_id      1 
_exptl_crystal_grow.method          'VAPOR DIFFUSION, HANGING DROP' 
_exptl_crystal_grow.pH              8.5 
_exptl_crystal_grow.temp            298 
_exptl_crystal_grow.pdbx_details    
'0.2M Ammonium Sulfate, 0.1M Tris pH 8.5, 25% PEG 3350, vapor diffusion, hanging drop, temperature 298K' 
_exptl_crystal_grow.temp_details    ? 
_exptl_crystal_grow.pdbx_pH_range   ? 
# 
_diffrn.id                     1 
_diffrn.ambient_temp           100 
_diffrn.ambient_temp_details   ? 
_diffrn.crystal_id             1 
# 
_diffrn_detector.diffrn_id              1 
_diffrn_detector.detector               CCD 
_diffrn_detector.type                   MARRESEARCH 
_diffrn_detector.pdbx_collection_date   2006-05-13 
_diffrn_detector.details                ? 
# 
_diffrn_radiation.diffrn_id                        1 
_diffrn_radiation.pdbx_diffrn_protocol             'SINGLE WAVELENGTH' 
_diffrn_radiation.monochromator                    ? 
_diffrn_radiation.wavelength_id                    1 
_diffrn_radiation.pdbx_monochromatic_or_laue_m_l   M 
_diffrn_radiation.pdbx_scattering_type             x-ray 
# 
_diffrn_radiation_wavelength.id           1 
_diffrn_radiation_wavelength.wavelength   0.946496 
_diffrn_radiation_wavelength.wt           1.0 
# 
_diffrn_source.diffrn_id                   1 
_diffrn_source.source                      SYNCHROTRON 
_diffrn_source.type                        'ESRF BEAMLINE ID13' 
_diffrn_source.pdbx_wavelength_list        0.946496 
_diffrn_source.pdbx_wavelength             ? 
_diffrn_source.pdbx_synchrotron_site       ESRF 
_diffrn_source.pdbx_synchrotron_beamline   ID13 
# 
_reflns.entry_id                     3FVA 
_reflns.d_resolution_high            1.450 
_reflns.d_resolution_low             30.000 
_reflns.number_obs                   750 
_reflns.pdbx_Rmerge_I_obs            0.137 
_reflns.pdbx_netI_over_sigmaI        7.197 
_reflns.pdbx_chi_squared             1.031 
_reflns.pdbx_redundancy              5.400 
_reflns.percent_possible_obs         98.700 
_reflns.observed_criterion_sigma_F   ? 
_reflns.observed_criterion_sigma_I   -3 
_reflns.number_all                   ? 
_reflns.pdbx_Rsym_value              ? 
_reflns.B_iso_Wilson_estimate        10.5 
_reflns.R_free_details               ? 
_reflns.limit_h_max                  ? 
_reflns.limit_h_min                  ? 
_reflns.limit_k_max                  ? 
_reflns.limit_k_min                  ? 
_reflns.limit_l_max                  ? 
_reflns.limit_l_min                  ? 
_reflns.observed_criterion_F_max     ? 
_reflns.observed_criterion_F_min     ? 
_reflns.pdbx_scaling_rejects         ? 
_reflns.pdbx_diffrn_id               1 
_reflns.pdbx_ordinal                 1 
# 
loop_
_reflns_shell.d_res_high 
_reflns_shell.d_res_low 
_reflns_shell.number_measured_obs 
_reflns_shell.number_measured_all 
_reflns_shell.number_unique_obs 
_reflns_shell.Rmerge_I_obs 
_reflns_shell.meanI_over_sigI_obs 
_reflns_shell.pdbx_Rsym_value 
_reflns_shell.pdbx_chi_squared 
_reflns_shell.pdbx_redundancy 
_reflns_shell.percent_possible_obs 
_reflns_shell.number_unique_all 
_reflns_shell.percent_possible_all 
_reflns_shell.pdbx_diffrn_id 
_reflns_shell.pdbx_ordinal 
1.45 1.50  ? ? ? 0.273 ? ? 1.082 4.30 ? 79 100.00 ? 1  
1.50 1.56  ? ? ? 0.216 ? ? 1.032 4.80 ? 72 98.60  ? 2  
1.56 1.63  ? ? ? 0.205 ? ? 1.024 5.40 ? 67 89.30  ? 3  
1.63 1.72  ? ? ? 0.183 ? ? 1.019 6.10 ? 58 100.00 ? 4  
1.72 1.83  ? ? ? 0.227 ? ? 1.048 6.00 ? 75 100.00 ? 5  
1.83 1.97  ? ? ? 0.137 ? ? 1.051 6.10 ? 71 100.00 ? 6  
1.97 2.17  ? ? ? 0.135 ? ? 1.023 6.10 ? 78 100.00 ? 7  
2.17 2.48  ? ? ? 0.164 ? ? 1.027 5.50 ? 83 98.80  ? 8  
2.48 3.12  ? ? ? 0.090 ? ? 1.012 5.50 ? 71 100.00 ? 9  
3.12 30.00 ? ? ? 0.081 ? ? 1.006 4.90 ? 96 100.00 ? 10 
# 
_refine.entry_id                                 3FVA 
_refine.ls_d_res_high                            1.458 
_refine.ls_d_res_low                             21.030 
_refine.pdbx_ls_sigma_F                          0.00 
_refine.ls_percent_reflns_obs                    97.900 
_refine.ls_number_reflns_obs                     747 
_refine.pdbx_ls_cross_valid_method               THROUGHOUT 
_refine.pdbx_R_Free_selection_details            RANDOM 
_refine.details                                  'HYDROGENS HAVE BEEN ADDED IN THE RIDING POSITIONS' 
_refine.ls_R_factor_obs                          0.163 
_refine.ls_R_factor_R_work                       0.162 
_refine.ls_wR_factor_R_work                      0.193 
_refine.ls_R_factor_R_free                       0.174 
_refine.ls_wR_factor_R_free                      0.187 
_refine.ls_percent_reflns_R_free                 5.400 
_refine.ls_number_reflns_R_free                  40 
_refine.B_iso_mean                               0.702 
_refine.aniso_B[1][1]                            -0.030 
_refine.aniso_B[2][2]                            0.170 
_refine.aniso_B[3][3]                            -0.030 
_refine.aniso_B[1][2]                            0.000 
_refine.aniso_B[1][3]                            0.320 
_refine.aniso_B[2][3]                            0.000 
_refine.correlation_coeff_Fo_to_Fc               0.960 
_refine.correlation_coeff_Fo_to_Fc_free          0.974 
_refine.overall_SU_R_Cruickshank_DPI             0.080 
_refine.overall_SU_R_free                        0.072 
_refine.pdbx_overall_ESU_R                       0.080 
_refine.pdbx_overall_ESU_R_Free                  0.072 
_refine.overall_SU_ML                            0.038 
_refine.overall_SU_B                             0.981 
_refine.solvent_model_details                    MASK 
_refine.pdbx_solvent_vdw_probe_radii             1.400 
_refine.pdbx_solvent_ion_probe_radii             0.800 
_refine.pdbx_solvent_shrinkage_radii             0.800 
_refine.pdbx_method_to_determine_struct          'MOLECULAR REPLACEMENT' 
_refine.pdbx_stereochemistry_target_values       'MAXIMUM LIKELIHOOD' 
_refine.overall_FOM_work_R_set                   0.914 
_refine.B_iso_max                                11.11 
_refine.B_iso_min                                0.00 
_refine.occupancy_max                            1.00 
_refine.occupancy_min                            1.00 
_refine.pdbx_ls_sigma_I                          ? 
_refine.ls_number_reflns_all                     ? 
_refine.ls_R_factor_all                          ? 
_refine.ls_redundancy_reflns_obs                 ? 
_refine.pdbx_data_cutoff_high_absF               ? 
_refine.pdbx_data_cutoff_low_absF                ? 
_refine.ls_number_parameters                     ? 
_refine.ls_number_restraints                     ? 
_refine.ls_R_factor_R_free_error                 ? 
_refine.ls_R_factor_R_free_error_details         ? 
_refine.pdbx_starting_model                      ? 
_refine.pdbx_stereochem_target_val_spec_case     ? 
_refine.solvent_model_param_bsol                 ? 
_refine.solvent_model_param_ksol                 ? 
_refine.pdbx_isotropic_thermal_model             ? 
_refine.pdbx_data_cutoff_high_rms_absF           ? 
_refine.overall_FOM_free_R_set                   ? 
_refine.pdbx_overall_phase_error                 ? 
_refine.pdbx_refine_id                           'X-RAY DIFFRACTION' 
_refine.pdbx_diffrn_id                           1 
_refine.pdbx_TLS_residual_ADP_flag               ? 
_refine.pdbx_overall_SU_R_free_Cruickshank_DPI   ? 
_refine.pdbx_overall_SU_R_Blow_DPI               ? 
_refine.pdbx_overall_SU_R_free_Blow_DPI          ? 
# 
_refine_hist.pdbx_refine_id                   'X-RAY DIFFRACTION' 
_refine_hist.cycle_id                         LAST 
_refine_hist.pdbx_number_atoms_protein        52 
_refine_hist.pdbx_number_atoms_nucleic_acid   0 
_refine_hist.pdbx_number_atoms_ligand         0 
_refine_hist.number_atoms_solvent             2 
_refine_hist.number_atoms_total               54 
_refine_hist.d_res_high                       1.458 
_refine_hist.d_res_low                        21.030 
# 
loop_
_refine_ls_restr.type 
_refine_ls_restr.number 
_refine_ls_restr.dev_ideal 
_refine_ls_restr.dev_ideal_target 
_refine_ls_restr.weight 
_refine_ls_restr.pdbx_refine_id 
_refine_ls_restr.pdbx_restraint_function 
r_bond_refined_d       52 0.007  0.021  ? 'X-RAY DIFFRACTION' ? 
r_angle_refined_deg    70 0.770  1.826  ? 'X-RAY DIFFRACTION' ? 
r_dihedral_angle_1_deg 5  7.350  5.000  ? 'X-RAY DIFFRACTION' ? 
r_dihedral_angle_2_deg 5  46.676 28.000 ? 'X-RAY DIFFRACTION' ? 
r_dihedral_angle_3_deg 7  7.549  15.000 ? 'X-RAY DIFFRACTION' ? 
r_chiral_restr         7  0.074  0.200  ? 'X-RAY DIFFRACTION' ? 
r_gen_planes_refined   47 0.005  0.020  ? 'X-RAY DIFFRACTION' ? 
r_nbd_refined          8  0.150  0.200  ? 'X-RAY DIFFRACTION' ? 
r_nbtor_refined        34 0.288  0.200  ? 'X-RAY DIFFRACTION' ? 
r_symmetry_vdw_refined 16 0.175  0.200  ? 'X-RAY DIFFRACTION' ? 
r_mcbond_it            31 0.409  1.500  ? 'X-RAY DIFFRACTION' ? 
r_mcangle_it           48 0.654  2.000  ? 'X-RAY DIFFRACTION' ? 
r_scbond_it            23 0.729  3.000  ? 'X-RAY DIFFRACTION' ? 
r_scangle_it           22 0.946  4.500  ? 'X-RAY DIFFRACTION' ? 
# 
_refine_ls_shell.d_res_high                       1.458 
_refine_ls_shell.d_res_low                        1.496 
_refine_ls_shell.pdbx_total_number_of_bins_used   20 
_refine_ls_shell.percent_reflns_obs               85.710 
_refine_ls_shell.number_reflns_R_work             40 
_refine_ls_shell.R_factor_all                     ? 
_refine_ls_shell.R_factor_R_work                  0.236 
_refine_ls_shell.R_factor_R_free                  0.396 
_refine_ls_shell.percent_reflns_R_free            ? 
_refine_ls_shell.number_reflns_R_free             2 
_refine_ls_shell.R_factor_R_free_error            ? 
_refine_ls_shell.number_reflns_all                42 
_refine_ls_shell.number_reflns_obs                ? 
_refine_ls_shell.redundancy_reflns_obs            ? 
_refine_ls_shell.pdbx_refine_id                   'X-RAY DIFFRACTION' 
# 
_struct.entry_id                  3FVA 
_struct.title                     'NNQNTF segment from elk prion' 
_struct.pdbx_model_details        ? 
_struct.pdbx_CASP_flag            ? 
_struct.pdbx_model_type_details   ? 
# 
_struct_keywords.entry_id        3FVA 
_struct_keywords.text            
'amyloid-like protofibril, Cell membrane, Glycoprotein, Golgi apparatus, GPI-anchor, Lipoprotein, Membrane, Prion, PROTEIN FIBRIL' 
_struct_keywords.pdbx_keywords   'PROTEIN FIBRIL' 
# 
loop_
_struct_asym.id 
_struct_asym.pdbx_blank_PDB_chainid_flag 
_struct_asym.pdbx_modified 
_struct_asym.entity_id 
_struct_asym.details 
A N N 1 ? 
B N N 2 ? 
# 
_struct_ref.id                         1 
_struct_ref.db_name                    UNP 
_struct_ref.db_code                    PRIO_CEREN 
_struct_ref.pdbx_db_accession          P67986 
_struct_ref.entity_id                  1 
_struct_ref.pdbx_seq_one_letter_code   NNQNTF 
_struct_ref.pdbx_align_begin           173 
_struct_ref.pdbx_db_isoform            ? 
# 
_struct_ref_seq.align_id                      1 
_struct_ref_seq.ref_id                        1 
_struct_ref_seq.pdbx_PDB_id_code              3FVA 
_struct_ref_seq.pdbx_strand_id                A 
_struct_ref_seq.seq_align_beg                 1 
_struct_ref_seq.pdbx_seq_align_beg_ins_code   ? 
_struct_ref_seq.seq_align_end                 6 
_struct_ref_seq.pdbx_seq_align_end_ins_code   ? 
_struct_ref_seq.pdbx_db_accession             P67986 
_struct_ref_seq.db_align_beg                  173 
_struct_ref_seq.pdbx_db_align_beg_ins_code    ? 
_struct_ref_seq.db_align_end                  178 
_struct_ref_seq.pdbx_db_align_end_ins_code    ? 
_struct_ref_seq.pdbx_auth_seq_align_beg       1 
_struct_ref_seq.pdbx_auth_seq_align_end       6 
# 
_pdbx_struct_assembly.id                   1 
_pdbx_struct_assembly.details              author_defined_assembly 
_pdbx_struct_assembly.method_details       ? 
_pdbx_struct_assembly.oligomeric_details   hexameric 
_pdbx_struct_assembly.oligomeric_count     6 
# 
_pdbx_struct_assembly_gen.assembly_id       1 
_pdbx_struct_assembly_gen.oper_expression   1,2,3,4,5,6 
_pdbx_struct_assembly_gen.asym_id_list      A,B 
# 
loop_
_pdbx_struct_oper_list.id 
_pdbx_struct_oper_list.type 
_pdbx_struct_oper_list.name 
_pdbx_struct_oper_list.symmetry_operation 
_pdbx_struct_oper_list.matrix[1][1] 
_pdbx_struct_oper_list.matrix[1][2] 
_pdbx_struct_oper_list.matrix[1][3] 
_pdbx_struct_oper_list.vector[1] 
_pdbx_struct_oper_list.matrix[2][1] 
_pdbx_struct_oper_list.matrix[2][2] 
_pdbx_struct_oper_list.matrix[2][3] 
_pdbx_struct_oper_list.vector[2] 
_pdbx_struct_oper_list.matrix[3][1] 
_pdbx_struct_oper_list.matrix[3][2] 
_pdbx_struct_oper_list.matrix[3][3] 
_pdbx_struct_oper_list.vector[3] 
1 'identity operation'         1_555 x,y,z           1.0000000000  0.0000000000  0.0000000000 0.0000000000  0.0000000000  1.0000000000  0.0000000000  0.0000000000  0.0000000000 0.0000000000  1.0000000000 0.0000000000  
2 'crystal symmetry operation' 1_565 x,y+1,z         1.0000000000  0.0000000000  0.0000000000 0.5372017566  0.0000000000  1.0000000000  0.0000000000  -0.2778417405 0.0000000000 0.0000000000  1.0000000000 4.8020639563  
3 'crystal symmetry operation' 1_545 x,y-1,z         1.0000000000  0.0000000000  0.0000000000 -0.5372017566 0.0000000000  1.0000000000  0.0000000000  0.2778417405  0.0000000000 0.0000000000  1.0000000000 -4.8020639563 
4 'crystal symmetry operation' 2_454 -x-1,y+1/2,-z-1 -0.9753615082 -0.0127430735 0.2202442791 2.4952396406  -0.0127430735 -0.9934092589 -0.1139107479 -8.0114129608 0.2202442791 -0.1139107479 0.9687707670 1.6964472017  
5 'crystal symmetry operation' 2_464 -x-1,y+3/2,-z-1 -0.9753615082 -0.0127430735 0.2202442791 3.0324413972  -0.0127430735 -0.9934092589 -0.1139107479 -8.2892547013 0.2202442791 -0.1139107479 0.9687707670 6.4985111580  
6 'crystal symmetry operation' 2_444 -x-1,y-1/2,-z-1 -0.9753615082 -0.0127430735 0.2202442791 1.9580378840  -0.0127430735 -0.9934092589 -0.1139107479 -7.7335712203 0.2202442791 -0.1139107479 0.9687707670 -3.1056167546 
# 
_struct_biol.id        1 
_struct_biol.details   
;Authors state that the biological unit is an indefinitely long pair of sheets (a protofibril). One sheet is constructed from chain A (X,Y,Z) and unit cell translations along b cell dimension (e.g. X,Y+1,Z; X,Y-1,Z). The second sheet is constructed from crystallographic symmetry operator -x-1,y+1/2,-z-1 and unit cell translations along the b dimension (e.g. -x-1,y+3/2,-z-1).      
     
There is an additional polymorph of the  biological unit (also a pair of beta sheets). One sheet is constructed from chain A (X,Y,Z) and unit cell translations along b cell dimension (e.g. X,Y+1,Z; X,Y-1,Z). The second sheet is constructed from crystallographic symmetry operator -x,y+1/2,-z-1 and unit cell translations along the b dimension (e.g. -x,y+3/2,-z-1).
;
# 
_phasing.method   MR 
# 
loop_
_chem_comp_atom.comp_id 
_chem_comp_atom.atom_id 
_chem_comp_atom.type_symbol 
_chem_comp_atom.pdbx_aromatic_flag 
_chem_comp_atom.pdbx_stereo_config 
_chem_comp_atom.pdbx_ordinal 
ASN N    N N N 1  
ASN CA   C N S 2  
ASN C    C N N 3  
ASN O    O N N 4  
ASN CB   C N N 5  
ASN CG   C N N 6  
ASN OD1  O N N 7  
ASN ND2  N N N 8  
ASN OXT  O N N 9  
ASN H    H N N 10 
ASN H2   H N N 11 
ASN HA   H N N 12 
ASN HB2  H N N 13 
ASN HB3  H N N 14 
ASN HD21 H N N 15 
ASN HD22 H N N 16 
ASN HXT  H N N 17 
GLN N    N N N 18 
GLN CA   C N S 19 
GLN C    C N N 20 
GLN O    O N N 21 
GLN CB   C N N 22 
GLN CG   C N N 23 
GLN CD   C N N 24 
GLN OE1  O N N 25 
GLN NE2  N N N 26 
GLN OXT  O N N 27 
GLN H    H N N 28 
GLN H2   H N N 29 
GLN HA   H N N 30 
GLN HB2  H N N 31 
GLN HB3  H N N 32 
GLN HG2  H N N 33 
GLN HG3  H N N 34 
GLN HE21 H N N 35 
GLN HE22 H N N 36 
GLN HXT  H N N 37 
HOH O    O N N 38 
HOH H1   H N N 39 
HOH H2   H N N 40 
PHE N    N N N 41 
PHE CA   C N S 42 
PHE C    C N N 43 
PHE O    O N N 44 
PHE CB   C N N 45 
PHE CG   C Y N 46 
PHE CD1  C Y N 47 
PHE CD2  C Y N 48 
PHE CE1  C Y N 49 
PHE CE2  C Y N 50 
PHE CZ   C Y N 51 
PHE OXT  O N N 52 
PHE H    H N N 53 
PHE H2   H N N 54 
PHE HA   H N N 55 
PHE HB2  H N N 56 
PHE HB3  H N N 57 
PHE HD1  H N N 58 
PHE HD2  H N N 59 
PHE HE1  H N N 60 
PHE HE2  H N N 61 
PHE HZ   H N N 62 
PHE HXT  H N N 63 
THR N    N N N 64 
THR CA   C N S 65 
THR C    C N N 66 
THR O    O N N 67 
THR CB   C N R 68 
THR OG1  O N N 69 
THR CG2  C N N 70 
THR OXT  O N N 71 
THR H    H N N 72 
THR H2   H N N 73 
THR HA   H N N 74 
THR HB   H N N 75 
THR HG1  H N N 76 
THR HG21 H N N 77 
THR HG22 H N N 78 
THR HG23 H N N 79 
THR HXT  H N N 80 
# 
loop_
_chem_comp_bond.comp_id 
_chem_comp_bond.atom_id_1 
_chem_comp_bond.atom_id_2 
_chem_comp_bond.value_order 
_chem_comp_bond.pdbx_aromatic_flag 
_chem_comp_bond.pdbx_stereo_config 
_chem_comp_bond.pdbx_ordinal 
ASN N   CA   sing N N 1  
ASN N   H    sing N N 2  
ASN N   H2   sing N N 3  
ASN CA  C    sing N N 4  
ASN CA  CB   sing N N 5  
ASN CA  HA   sing N N 6  
ASN C   O    doub N N 7  
ASN C   OXT  sing N N 8  
ASN CB  CG   sing N N 9  
ASN CB  HB2  sing N N 10 
ASN CB  HB3  sing N N 11 
ASN CG  OD1  doub N N 12 
ASN CG  ND2  sing N N 13 
ASN ND2 HD21 sing N N 14 
ASN ND2 HD22 sing N N 15 
ASN OXT HXT  sing N N 16 
GLN N   CA   sing N N 17 
GLN N   H    sing N N 18 
GLN N   H2   sing N N 19 
GLN CA  C    sing N N 20 
GLN CA  CB   sing N N 21 
GLN CA  HA   sing N N 22 
GLN C   O    doub N N 23 
GLN C   OXT  sing N N 24 
GLN CB  CG   sing N N 25 
GLN CB  HB2  sing N N 26 
GLN CB  HB3  sing N N 27 
GLN CG  CD   sing N N 28 
GLN CG  HG2  sing N N 29 
GLN CG  HG3  sing N N 30 
GLN CD  OE1  doub N N 31 
GLN CD  NE2  sing N N 32 
GLN NE2 HE21 sing N N 33 
GLN NE2 HE22 sing N N 34 
GLN OXT HXT  sing N N 35 
HOH O   H1   sing N N 36 
HOH O   H2   sing N N 37 
PHE N   CA   sing N N 38 
PHE N   H    sing N N 39 
PHE N   H2   sing N N 40 
PHE CA  C    sing N N 41 
PHE CA  CB   sing N N 42 
PHE CA  HA   sing N N 43 
PHE C   O    doub N N 44 
PHE C   OXT  sing N N 45 
PHE CB  CG   sing N N 46 
PHE CB  HB2  sing N N 47 
PHE CB  HB3  sing N N 48 
PHE CG  CD1  doub Y N 49 
PHE CG  CD2  sing Y N 50 
PHE CD1 CE1  sing Y N 51 
PHE CD1 HD1  sing N N 52 
PHE CD2 CE2  doub Y N 53 
PHE CD2 HD2  sing N N 54 
PHE CE1 CZ   doub Y N 55 
PHE CE1 HE1  sing N N 56 
PHE CE2 CZ   sing Y N 57 
PHE CE2 HE2  sing N N 58 
PHE CZ  HZ   sing N N 59 
PHE OXT HXT  sing N N 60 
THR N   CA   sing N N 61 
THR N   H    sing N N 62 
THR N   H2   sing N N 63 
THR CA  C    sing N N 64 
THR CA  CB   sing N N 65 
THR CA  HA   sing N N 66 
THR C   O    doub N N 67 
THR C   OXT  sing N N 68 
THR CB  OG1  sing N N 69 
THR CB  CG2  sing N N 70 
THR CB  HB   sing N N 71 
THR OG1 HG1  sing N N 72 
THR CG2 HG21 sing N N 73 
THR CG2 HG22 sing N N 74 
THR CG2 HG23 sing N N 75 
THR OXT HXT  sing N N 76 
# 
_atom_sites.entry_id                    3FVA 
_atom_sites.fract_transf_matrix[1][1]   -0.01576690 
_atom_sites.fract_transf_matrix[1][2]   0.05376336 
_atom_sites.fract_transf_matrix[1][3]   0.00487451 
_atom_sites.fract_transf_matrix[2][1]   0.02293230 
_atom_sites.fract_transf_matrix[2][2]   -0.01186063 
_atom_sites.fract_transf_matrix[2][3]   0.20499257 
_atom_sites.fract_transf_matrix[3][1]   0.04229625 
_atom_sites.fract_transf_matrix[3][2]   0.02144171 
_atom_sites.fract_transf_matrix[3][3]   -0.00349104 
_atom_sites.fract_transf_vector[1]      -0.269088 
_atom_sites.fract_transf_vector[2]      -0.056198 
_atom_sites.fract_transf_vector[3]      -0.463920 
# 
loop_
_atom_type.symbol 
C 
N 
O 
# 
loop_
_atom_site.group_PDB 
_atom_site.id 
_atom_site.type_symbol 
_atom_site.label_atom_id 
_atom_site.label_alt_id 
_atom_site.label_comp_id 
_atom_site.label_asym_id 
_atom_site.label_entity_id 
_atom_site.label_seq_id 
_atom_site.pdbx_PDB_ins_code 
_atom_site.Cartn_x 
_atom_site.Cartn_y 
_atom_site.Cartn_z 
_atom_site.occupancy 
_atom_site.B_iso_or_equiv 
_atom_site.pdbx_formal_charge 
_atom_site.auth_seq_id 
_atom_site.auth_comp_id 
_atom_site.auth_asym_id 
_atom_site.auth_atom_id 
_atom_site.pdbx_PDB_model_num 
ATOM   1  N N   . ASN A 1 1 ? 9.612   0.877  -0.998 1.00 2.32  ? 1 ASN A N   1 
ATOM   2  C CA  . ASN A 1 1 ? 8.487   -0.097 -1.141 1.00 0.97  ? 1 ASN A CA  1 
ATOM   3  C C   . ASN A 1 1 ? 7.312   0.321  -0.278 1.00 0.87  ? 1 ASN A C   1 
ATOM   4  O O   . ASN A 1 1 ? 7.358   0.226  0.947  1.00 0.63  ? 1 ASN A O   1 
ATOM   5  C CB  . ASN A 1 1 ? 8.922   -1.520 -0.758 1.00 1.13  ? 1 ASN A CB  1 
ATOM   6  C CG  . ASN A 1 1 ? 9.853   -2.162 -1.783 1.00 1.36  ? 1 ASN A CG  1 
ATOM   7  O OD1 . ASN A 1 1 ? 10.235  -1.550 -2.795 1.00 1.08  ? 1 ASN A OD1 1 
ATOM   8  N ND2 . ASN A 1 1 ? 10.216  -3.414 -1.525 1.00 2.36  ? 1 ASN A ND2 1 
ATOM   9  N N   . ASN A 1 2 ? 6.252   0.768  -0.945 1.00 0.00  ? 2 ASN A N   1 
ATOM   10 C CA  . ASN A 1 2 ? 5.072   1.303  -0.277 1.00 0.00  ? 2 ASN A CA  1 
ATOM   11 C C   . ASN A 1 2 ? 3.820   0.626  -0.808 1.00 0.00  ? 2 ASN A C   1 
ATOM   12 O O   . ASN A 1 2 ? 3.629   0.533  -2.018 1.00 0.00  ? 2 ASN A O   1 
ATOM   13 C CB  . ASN A 1 2 ? 5.013   2.812  -0.508 1.00 0.00  ? 2 ASN A CB  1 
ATOM   14 C CG  . ASN A 1 2 ? 6.255   3.507  -0.003 1.00 0.22  ? 2 ASN A CG  1 
ATOM   15 O OD1 . ASN A 1 2 ? 6.618   3.365  1.172  1.00 0.00  ? 2 ASN A OD1 1 
ATOM   16 N ND2 . ASN A 1 2 ? 6.957   4.203  -0.896 1.00 2.58  ? 2 ASN A ND2 1 
ATOM   17 N N   . GLN A 1 3 ? 2.986   0.138  0.106  1.00 0.00  ? 3 GLN A N   1 
ATOM   18 C CA  . GLN A 1 3 ? 1.782   -0.621 -0.264 1.00 0.00  ? 3 GLN A CA  1 
ATOM   19 C C   . GLN A 1 3 ? 0.587   -0.084 0.507  1.00 0.00  ? 3 GLN A C   1 
ATOM   20 O O   . GLN A 1 3 ? 0.632   0.016  1.729  1.00 0.00  ? 3 GLN A O   1 
ATOM   21 C CB  . GLN A 1 3 ? 1.973   -2.113 0.060  1.00 0.00  ? 3 GLN A CB  1 
ATOM   22 C CG  . GLN A 1 3 ? 3.073   -2.792 -0.767 1.00 0.00  ? 3 GLN A CG  1 
ATOM   23 C CD  . GLN A 1 3 ? 3.397   -4.187 -0.263 1.00 0.00  ? 3 GLN A CD  1 
ATOM   24 O OE1 . GLN A 1 3 ? 3.589   -4.401 0.936  1.00 0.59  ? 3 GLN A OE1 1 
ATOM   25 N NE2 . GLN A 1 3 ? 3.493   -5.147 -1.187 1.00 0.00  ? 3 GLN A NE2 1 
ATOM   26 N N   . ASN A 1 4 ? -0.474  0.276  -0.211 1.00 0.00  ? 4 ASN A N   1 
ATOM   27 C CA  . ASN A 1 4 ? -1.736  0.630  0.430  1.00 0.00  ? 4 ASN A CA  1 
ATOM   28 C C   . ASN A 1 4 ? -2.889  -0.169 -0.165 1.00 0.00  ? 4 ASN A C   1 
ATOM   29 O O   . ASN A 1 4 ? -2.963  -0.352 -1.379 1.00 0.00  ? 4 ASN A O   1 
ATOM   30 C CB  . ASN A 1 4 ? -2.037  2.127  0.259  1.00 0.00  ? 4 ASN A CB  1 
ATOM   31 C CG  . ASN A 1 4 ? -3.305  2.534  0.967  1.00 0.00  ? 4 ASN A CG  1 
ATOM   32 O OD1 . ASN A 1 4 ? -3.348  2.600  2.189  1.00 0.00  ? 4 ASN A OD1 1 
ATOM   33 N ND2 . ASN A 1 4 ? -4.351  2.798  0.199  1.00 0.00  ? 4 ASN A ND2 1 
ATOM   34 N N   . THR A 1 5 ? -3.784  -0.637 0.696  1.00 0.00  ? 5 THR A N   1 
ATOM   35 C CA  . THR A 1 5 ? -5.041  -1.202 0.221  1.00 0.00  ? 5 THR A CA  1 
ATOM   36 C C   . THR A 1 5 ? -6.221  -0.686 1.035  1.00 0.00  ? 5 THR A C   1 
ATOM   37 O O   . THR A 1 5 ? -6.130  -0.558 2.256  1.00 0.00  ? 5 THR A O   1 
ATOM   38 C CB  . THR A 1 5 ? -5.034  -2.756 0.237  1.00 0.18  ? 5 THR A CB  1 
ATOM   39 O OG1 . THR A 1 5 ? -6.334  -3.228 -0.123 1.00 2.35  ? 5 THR A OG1 1 
ATOM   40 C CG2 . THR A 1 5 ? -4.660  -3.310 1.593  1.00 0.77  ? 5 THR A CG2 1 
ATOM   41 N N   . PHE A 1 6 ? -7.323  -0.389 0.355  1.00 0.00  ? 6 PHE A N   1 
ATOM   42 C CA  . PHE A 1 6 ? -8.565  -0.012 1.030  1.00 0.30  ? 6 PHE A CA  1 
ATOM   43 C C   . PHE A 1 6 ? -9.370  -1.267 1.392  1.00 1.10  ? 6 PHE A C   1 
ATOM   44 O O   . PHE A 1 6 ? -8.943  -2.400 1.101  1.00 1.93  ? 6 PHE A O   1 
ATOM   45 C CB  . PHE A 1 6 ? -9.373  0.978  0.174  1.00 0.11  ? 6 PHE A CB  1 
ATOM   46 C CG  . PHE A 1 6 ? -8.725  2.319  0.076  1.00 0.00  ? 6 PHE A CG  1 
ATOM   47 C CD1 . PHE A 1 6 ? -7.828  2.591  -0.949 1.00 0.00  ? 6 PHE A CD1 1 
ATOM   48 C CD2 . PHE A 1 6 ? -8.961  3.295  1.036  1.00 0.00  ? 6 PHE A CD2 1 
ATOM   49 C CE1 . PHE A 1 6 ? -7.198  3.834  -1.026 1.00 0.00  ? 6 PHE A CE1 1 
ATOM   50 C CE2 . PHE A 1 6 ? -8.337  4.527  0.969  1.00 0.00  ? 6 PHE A CE2 1 
ATOM   51 C CZ  . PHE A 1 6 ? -7.447  4.798  -0.059 1.00 0.00  ? 6 PHE A CZ  1 
ATOM   52 O OXT . PHE A 1 6 ? -10.441 -1.194 2.005  1.00 2.12  ? 6 PHE A OXT 1 
HETATM 53 O O   . HOH B 2 . ? 9.476   2.498  1.320  1.00 3.85  ? 7 HOH A O   1 
HETATM 54 O O   . HOH B 2 . ? -12.338 0.671  2.824  1.00 11.11 ? 8 HOH A O   1 
# 
